data_6I5O
#
_entry.id   6I5O
#
_cell.length_a   107.000
_cell.length_b   52.160
_cell.length_c   106.740
_cell.angle_alpha   90.000
_cell.angle_beta   95.970
_cell.angle_gamma   90.000
#
_symmetry.space_group_name_H-M   'C 1 2 1'
#
loop_
_entity.id
_entity.type
_entity.pdbx_description
1 polymer 'SPBc2 prophage-derived uncharacterized protein YomS'
2 water water
#
_entity_poly.entity_id   1
_entity_poly.type   'polypeptide(L)'
_entity_poly.pdbx_seq_one_letter_code
;MTETTENVVITIPDKTSFTFHEAATSPSEGEEFVVGHFRELTVKISGSSTSREIKFYAVDENGEKTALSGTNKTDFQLGS
STLNTNEYWDFDIAGLFKVMFEVVSVTGDVTVKGIVVS
;
_entity_poly.pdbx_strand_id   A,B,C,D,E
#
# COMPACT_ATOMS: atom_id res chain seq x y z
N ASN A 7 -13.19 16.60 14.87
CA ASN A 7 -13.49 15.31 15.56
C ASN A 7 -12.46 14.21 15.26
N VAL A 8 -11.70 13.78 16.24
CA VAL A 8 -10.61 12.80 16.06
C VAL A 8 -11.12 11.45 16.49
N VAL A 9 -10.90 10.43 15.71
CA VAL A 9 -11.27 9.04 16.04
C VAL A 9 -10.06 8.16 15.89
N ILE A 10 -9.96 7.18 16.77
CA ILE A 10 -8.97 6.09 16.67
C ILE A 10 -9.61 5.02 15.85
N THR A 11 -8.97 4.58 14.78
CA THR A 11 -9.54 3.61 13.86
C THR A 11 -8.96 2.25 14.04
N ILE A 12 -9.81 1.22 14.09
CA ILE A 12 -9.35 -0.18 14.09
C ILE A 12 -10.20 -0.94 13.06
N PRO A 13 -9.63 -2.01 12.50
CA PRO A 13 -10.39 -2.81 11.54
C PRO A 13 -11.41 -3.68 12.24
N ASP A 14 -12.38 -4.11 11.45
CA ASP A 14 -13.20 -5.31 11.76
C ASP A 14 -12.38 -6.52 11.38
N LYS A 15 -12.51 -7.60 12.14
CA LYS A 15 -11.89 -8.88 11.76
C LYS A 15 -12.85 -10.01 12.10
N THR A 16 -12.77 -11.07 11.35
CA THR A 16 -13.42 -12.35 11.78
C THR A 16 -12.57 -13.49 11.25
N SER A 17 -12.93 -14.68 11.74
N SER A 17 -12.95 -14.69 11.72
CA SER A 17 -12.28 -15.96 11.37
CA SER A 17 -12.29 -15.96 11.37
C SER A 17 -13.26 -16.77 10.54
C SER A 17 -13.27 -16.76 10.53
N PHE A 18 -12.75 -17.62 9.67
CA PHE A 18 -13.59 -18.49 8.83
C PHE A 18 -12.86 -19.79 8.61
N THR A 19 -13.61 -20.89 8.75
CA THR A 19 -13.07 -22.22 8.40
C THR A 19 -13.50 -22.63 7.01
N PHE A 20 -12.54 -22.81 6.11
CA PHE A 20 -12.79 -23.35 4.76
C PHE A 20 -12.87 -24.88 4.83
N HIS A 21 -11.93 -25.48 5.54
CA HIS A 21 -11.84 -26.94 5.76
C HIS A 21 -11.46 -27.19 7.22
N GLU A 22 -12.33 -27.89 7.91
N GLU A 22 -12.29 -27.96 7.91
CA GLU A 22 -12.11 -28.36 9.28
CA GLU A 22 -12.11 -28.26 9.35
C GLU A 22 -11.73 -29.80 9.10
C GLU A 22 -11.07 -29.37 9.52
N ALA A 23 -10.49 -30.26 9.12
N ALA A 23 -10.98 -30.38 8.66
CA ALA A 23 -10.35 -31.74 8.91
CA ALA A 23 -9.98 -31.49 8.83
C ALA A 23 -10.71 -32.22 7.50
C ALA A 23 -10.26 -32.40 7.65
N ALA A 24 -9.99 -31.83 6.45
N ALA A 24 -9.98 -31.85 6.47
CA ALA A 24 -10.24 -32.50 5.17
CA ALA A 24 -10.26 -32.51 5.18
C ALA A 24 -9.34 -33.72 5.04
C ALA A 24 -9.35 -33.72 5.05
N THR A 25 -9.90 -34.89 4.74
CA THR A 25 -9.10 -36.11 4.49
C THR A 25 -9.36 -36.65 3.08
N SER A 26 -10.18 -35.97 2.31
CA SER A 26 -10.41 -36.28 0.89
C SER A 26 -10.69 -35.00 0.14
N PRO A 27 -10.65 -35.03 -1.20
CA PRO A 27 -10.86 -33.80 -1.96
C PRO A 27 -12.23 -33.18 -1.70
N SER A 28 -12.25 -31.86 -1.71
N SER A 28 -12.25 -31.86 -1.66
CA SER A 28 -13.48 -31.07 -1.47
CA SER A 28 -13.52 -31.09 -1.59
C SER A 28 -13.22 -29.61 -1.84
C SER A 28 -13.23 -29.62 -1.82
N GLU A 29 -14.23 -28.91 -2.30
CA GLU A 29 -14.12 -27.45 -2.43
C GLU A 29 -14.21 -26.80 -1.07
N GLY A 30 -14.79 -27.40 -0.05
CA GLY A 30 -14.95 -26.78 1.26
C GLY A 30 -15.92 -25.61 1.24
N GLU A 31 -15.95 -24.86 2.30
CA GLU A 31 -16.93 -23.77 2.52
C GLU A 31 -16.44 -22.52 1.82
N GLU A 32 -17.38 -21.78 1.26
CA GLU A 32 -17.06 -20.53 0.55
C GLU A 32 -17.28 -19.36 1.48
N PHE A 33 -16.38 -18.40 1.44
CA PHE A 33 -16.48 -17.19 2.29
C PHE A 33 -17.07 -16.07 1.44
N VAL A 34 -18.15 -15.51 1.91
CA VAL A 34 -18.75 -14.29 1.35
C VAL A 34 -17.97 -13.10 1.86
N VAL A 35 -17.29 -12.38 0.96
CA VAL A 35 -16.35 -11.31 1.36
C VAL A 35 -17.06 -10.22 2.13
N GLY A 36 -18.26 -9.82 1.74
CA GLY A 36 -18.98 -8.80 2.50
C GLY A 36 -18.20 -7.49 2.54
N HIS A 37 -17.95 -6.97 3.72
CA HIS A 37 -17.26 -5.68 3.84
C HIS A 37 -15.76 -5.84 4.00
N PHE A 38 -15.17 -7.01 3.90
CA PHE A 38 -13.75 -7.20 4.20
C PHE A 38 -12.89 -6.83 3.00
N ARG A 39 -11.62 -6.57 3.30
N ARG A 39 -11.61 -6.57 3.29
CA ARG A 39 -10.64 -6.16 2.27
CA ARG A 39 -10.64 -6.12 2.27
C ARG A 39 -9.53 -7.18 2.06
C ARG A 39 -9.51 -7.15 2.08
N GLU A 40 -9.08 -7.83 3.13
N GLU A 40 -9.08 -7.82 3.15
CA GLU A 40 -7.89 -8.69 3.09
CA GLU A 40 -7.87 -8.69 3.11
C GLU A 40 -8.22 -10.02 3.77
C GLU A 40 -8.20 -10.02 3.77
N LEU A 41 -7.53 -11.06 3.31
CA LEU A 41 -7.61 -12.42 3.91
C LEU A 41 -6.22 -12.97 4.08
N THR A 42 -6.03 -13.63 5.21
CA THR A 42 -4.84 -14.46 5.43
C THR A 42 -5.33 -15.87 5.72
N VAL A 43 -4.91 -16.82 4.91
CA VAL A 43 -5.28 -18.26 5.05
C VAL A 43 -4.12 -19.00 5.67
N LYS A 44 -4.42 -19.84 6.67
CA LYS A 44 -3.43 -20.77 7.26
C LYS A 44 -3.78 -22.17 6.77
N ILE A 45 -2.78 -22.83 6.21
N ILE A 45 -2.78 -22.82 6.20
CA ILE A 45 -2.90 -24.26 5.82
CA ILE A 45 -2.85 -24.27 5.84
C ILE A 45 -2.16 -25.05 6.89
C ILE A 45 -2.15 -25.05 6.94
N SER A 46 -2.86 -25.96 7.56
N SER A 46 -2.88 -25.95 7.58
CA SER A 46 -2.35 -26.68 8.74
CA SER A 46 -2.32 -26.70 8.73
C SER A 46 -2.83 -28.14 8.70
C SER A 46 -2.83 -28.14 8.72
N GLY A 47 -2.49 -28.85 9.76
CA GLY A 47 -2.83 -30.25 9.91
C GLY A 47 -1.62 -31.13 9.83
N SER A 48 -1.87 -32.45 9.82
N SER A 48 -1.87 -32.45 9.82
CA SER A 48 -0.81 -33.48 9.89
CA SER A 48 -0.84 -33.50 9.93
C SER A 48 -0.71 -34.28 8.60
C SER A 48 -0.70 -34.27 8.60
N SER A 49 -1.26 -33.75 7.51
CA SER A 49 -1.18 -34.41 6.20
C SER A 49 0.26 -34.69 5.83
N THR A 50 0.49 -35.77 5.07
CA THR A 50 1.84 -36.03 4.50
C THR A 50 1.95 -35.47 3.09
N SER A 51 0.83 -35.29 2.39
N SER A 51 0.83 -35.28 2.39
CA SER A 51 0.83 -34.59 1.08
CA SER A 51 0.80 -34.65 1.06
C SER A 51 -0.51 -33.94 0.86
C SER A 51 -0.51 -33.93 0.88
N ARG A 52 -0.54 -32.87 0.08
CA ARG A 52 -1.80 -32.18 -0.22
C ARG A 52 -1.58 -31.22 -1.37
N GLU A 53 -2.67 -30.82 -1.99
N GLU A 53 -2.67 -30.83 -2.02
CA GLU A 53 -2.63 -29.74 -3.00
CA GLU A 53 -2.63 -29.72 -2.99
C GLU A 53 -3.86 -28.89 -2.76
C GLU A 53 -3.86 -28.87 -2.75
N ILE A 54 -3.62 -27.61 -2.51
N ILE A 54 -3.62 -27.60 -2.53
CA ILE A 54 -4.69 -26.62 -2.28
CA ILE A 54 -4.70 -26.60 -2.28
C ILE A 54 -4.67 -25.64 -3.45
C ILE A 54 -4.66 -25.62 -3.45
N LYS A 55 -5.81 -25.41 -4.09
CA LYS A 55 -5.90 -24.36 -5.13
C LYS A 55 -6.77 -23.24 -4.63
N PHE A 56 -6.33 -22.00 -4.91
CA PHE A 56 -6.93 -20.77 -4.39
C PHE A 56 -7.86 -20.18 -5.43
N TYR A 57 -9.10 -19.89 -5.06
CA TYR A 57 -10.08 -19.40 -6.04
C TYR A 57 -10.87 -18.21 -5.53
N ALA A 58 -11.13 -17.30 -6.46
CA ALA A 58 -12.20 -16.31 -6.38
C ALA A 58 -13.44 -16.90 -7.05
N VAL A 59 -14.61 -16.63 -6.49
CA VAL A 59 -15.87 -17.16 -7.04
C VAL A 59 -16.84 -15.99 -7.21
N ASP A 60 -17.45 -15.90 -8.39
CA ASP A 60 -18.42 -14.83 -8.62
C ASP A 60 -19.85 -15.26 -8.27
N GLU A 61 -20.80 -14.37 -8.48
N GLU A 61 -20.80 -14.36 -8.48
CA GLU A 61 -22.22 -14.58 -8.06
CA GLU A 61 -22.21 -14.57 -8.06
C GLU A 61 -22.83 -15.72 -8.87
C GLU A 61 -22.84 -15.71 -8.86
N ASN A 62 -22.26 -16.07 -10.02
CA ASN A 62 -22.78 -17.20 -10.86
C ASN A 62 -22.06 -18.51 -10.56
N GLY A 63 -21.11 -18.52 -9.69
CA GLY A 63 -20.35 -19.72 -9.31
C GLY A 63 -19.15 -19.96 -10.16
N GLU A 64 -18.77 -19.08 -11.08
CA GLU A 64 -17.55 -19.28 -11.86
C GLU A 64 -16.34 -19.11 -10.94
N LYS A 65 -15.40 -20.05 -11.00
CA LYS A 65 -14.15 -20.07 -10.22
C LYS A 65 -12.99 -19.54 -11.05
N THR A 66 -12.20 -18.70 -10.44
CA THR A 66 -11.02 -18.08 -11.10
C THR A 66 -9.79 -18.23 -10.21
N ALA A 67 -8.72 -18.79 -10.73
CA ALA A 67 -7.49 -18.95 -9.95
C ALA A 67 -7.07 -17.59 -9.35
N LEU A 68 -6.74 -17.61 -8.08
CA LEU A 68 -6.49 -16.35 -7.34
C LEU A 68 -5.08 -16.41 -6.76
N SER A 69 -4.22 -15.49 -7.14
N SER A 69 -4.22 -15.49 -7.14
CA SER A 69 -2.85 -15.42 -6.55
CA SER A 69 -2.85 -15.42 -6.57
C SER A 69 -2.86 -14.66 -5.23
C SER A 69 -2.86 -14.65 -5.24
N GLY A 70 -2.02 -15.13 -4.33
CA GLY A 70 -1.71 -14.48 -3.07
C GLY A 70 -0.24 -14.57 -2.81
N THR A 71 0.12 -14.09 -1.62
CA THR A 71 1.52 -13.93 -1.20
C THR A 71 1.80 -14.81 0.00
N ASN A 72 2.84 -15.64 -0.10
CA ASN A 72 3.25 -16.54 1.00
C ASN A 72 3.97 -15.68 2.04
N LYS A 73 3.50 -15.72 3.28
CA LYS A 73 4.10 -14.84 4.32
C LYS A 73 5.47 -15.32 4.74
N THR A 74 5.90 -16.53 4.42
CA THR A 74 7.22 -17.05 4.79
C THR A 74 8.29 -16.46 3.89
N ASP A 75 8.06 -16.41 2.61
CA ASP A 75 9.14 -16.05 1.66
C ASP A 75 8.71 -14.98 0.63
N PHE A 76 7.53 -14.42 0.77
CA PHE A 76 6.94 -13.44 -0.16
C PHE A 76 6.80 -14.01 -1.58
N GLN A 77 6.77 -15.31 -1.75
CA GLN A 77 6.51 -15.87 -3.10
C GLN A 77 5.02 -15.71 -3.44
N LEU A 78 4.76 -15.54 -4.72
CA LEU A 78 3.39 -15.41 -5.24
C LEU A 78 2.94 -16.78 -5.71
N GLY A 79 1.66 -17.04 -5.57
CA GLY A 79 1.12 -18.28 -6.13
C GLY A 79 -0.39 -18.37 -6.00
N SER A 80 -0.98 -19.24 -6.81
CA SER A 80 -2.41 -19.51 -6.82
C SER A 80 -2.68 -20.92 -6.30
N SER A 81 -1.68 -21.60 -5.78
CA SER A 81 -1.88 -22.96 -5.23
C SER A 81 -0.69 -23.26 -4.34
N THR A 82 -0.78 -24.35 -3.58
CA THR A 82 0.39 -24.81 -2.82
C THR A 82 0.33 -26.32 -2.63
N LEU A 83 1.50 -26.91 -2.57
CA LEU A 83 1.69 -28.34 -2.22
C LEU A 83 2.17 -28.47 -0.79
N ASN A 84 2.29 -27.37 -0.05
CA ASN A 84 2.92 -27.40 1.28
C ASN A 84 1.86 -27.23 2.36
N THR A 85 2.23 -27.61 3.58
CA THR A 85 1.43 -27.34 4.79
C THR A 85 2.22 -26.33 5.62
N ASN A 86 1.62 -25.87 6.69
CA ASN A 86 2.22 -24.89 7.62
C ASN A 86 2.61 -23.61 6.85
N GLU A 87 1.63 -23.03 6.19
CA GLU A 87 1.88 -21.78 5.43
C GLU A 87 0.72 -20.83 5.64
N TYR A 88 1.08 -19.54 5.65
CA TYR A 88 0.11 -18.44 5.57
C TYR A 88 0.17 -17.84 4.15
N TRP A 89 -1.01 -17.55 3.61
CA TRP A 89 -1.10 -16.88 2.29
C TRP A 89 -2.02 -15.67 2.45
N ASP A 90 -1.56 -14.53 1.93
CA ASP A 90 -2.28 -13.24 2.01
C ASP A 90 -2.92 -12.90 0.67
N PHE A 91 -4.15 -12.42 0.75
CA PHE A 91 -4.93 -12.10 -0.46
C PHE A 91 -5.63 -10.77 -0.29
N ASP A 92 -5.68 -10.02 -1.38
N ASP A 92 -5.69 -10.03 -1.39
CA ASP A 92 -6.51 -8.80 -1.50
CA ASP A 92 -6.49 -8.81 -1.51
C ASP A 92 -7.84 -9.22 -2.10
C ASP A 92 -7.84 -9.22 -2.11
N ILE A 93 -8.89 -9.16 -1.28
CA ILE A 93 -10.20 -9.74 -1.65
C ILE A 93 -11.29 -8.69 -1.75
N ALA A 94 -10.99 -7.41 -1.64
CA ALA A 94 -12.01 -6.40 -1.44
C ALA A 94 -13.04 -6.37 -2.55
N GLY A 95 -12.60 -6.63 -3.78
CA GLY A 95 -13.50 -6.57 -4.94
C GLY A 95 -14.06 -7.89 -5.39
N LEU A 96 -14.04 -8.89 -4.53
CA LEU A 96 -14.48 -10.26 -4.89
C LEU A 96 -15.78 -10.56 -4.17
N PHE A 97 -16.67 -11.37 -4.76
CA PHE A 97 -17.88 -11.81 -4.09
C PHE A 97 -17.57 -12.91 -3.05
N LYS A 98 -16.87 -13.95 -3.49
CA LYS A 98 -16.57 -15.13 -2.63
C LYS A 98 -15.14 -15.56 -2.87
N VAL A 99 -14.61 -16.23 -1.85
CA VAL A 99 -13.33 -16.96 -2.03
C VAL A 99 -13.52 -18.41 -1.57
N MET A 100 -12.72 -19.27 -2.13
CA MET A 100 -12.79 -20.72 -1.94
CA MET A 100 -12.78 -20.72 -1.94
C MET A 100 -11.36 -21.27 -2.00
N PHE A 101 -11.06 -22.24 -1.14
CA PHE A 101 -9.74 -22.91 -1.08
C PHE A 101 -9.97 -24.38 -1.26
N GLU A 102 -9.79 -24.88 -2.46
CA GLU A 102 -10.17 -26.25 -2.82
C GLU A 102 -9.03 -27.21 -2.41
N VAL A 103 -9.40 -28.28 -1.67
CA VAL A 103 -8.47 -29.41 -1.47
C VAL A 103 -8.60 -30.29 -2.71
N VAL A 104 -7.63 -30.19 -3.59
CA VAL A 104 -7.61 -30.98 -4.84
C VAL A 104 -7.22 -32.42 -4.51
N SER A 105 -6.29 -32.59 -3.58
CA SER A 105 -5.78 -33.90 -3.17
C SER A 105 -5.25 -33.79 -1.76
N VAL A 106 -5.26 -34.89 -1.03
CA VAL A 106 -4.69 -34.90 0.33
C VAL A 106 -4.48 -36.36 0.72
N THR A 107 -3.35 -36.60 1.36
CA THR A 107 -3.08 -37.86 2.08
C THR A 107 -2.92 -37.49 3.56
N GLY A 108 -3.92 -37.75 4.37
CA GLY A 108 -3.91 -37.32 5.77
C GLY A 108 -4.96 -36.27 5.98
N ASP A 109 -4.71 -35.33 6.88
N ASP A 109 -4.72 -35.35 6.92
CA ASP A 109 -5.72 -34.32 7.27
CA ASP A 109 -5.73 -34.32 7.29
C ASP A 109 -5.15 -32.93 6.97
C ASP A 109 -5.16 -32.94 7.01
N VAL A 110 -5.96 -32.08 6.39
CA VAL A 110 -5.52 -30.69 6.13
C VAL A 110 -6.64 -29.77 6.58
N THR A 111 -6.24 -28.75 7.30
N THR A 111 -6.24 -28.75 7.30
CA THR A 111 -7.15 -27.68 7.80
CA THR A 111 -7.15 -27.68 7.79
C THR A 111 -6.84 -26.41 7.02
C THR A 111 -6.84 -26.40 7.01
N VAL A 112 -7.88 -25.67 6.70
CA VAL A 112 -7.71 -24.38 5.94
C VAL A 112 -8.59 -23.37 6.64
N LYS A 113 -7.99 -22.36 7.27
CA LYS A 113 -8.73 -21.41 8.11
C LYS A 113 -8.23 -20.03 7.81
N GLY A 114 -9.09 -19.03 7.82
CA GLY A 114 -8.62 -17.67 7.53
C GLY A 114 -9.03 -16.68 8.57
N ILE A 115 -8.31 -15.57 8.54
CA ILE A 115 -8.69 -14.34 9.26
C ILE A 115 -8.83 -13.28 8.17
N VAL A 116 -9.95 -12.54 8.26
CA VAL A 116 -10.29 -11.48 7.29
C VAL A 116 -10.28 -10.18 8.04
N VAL A 117 -9.94 -9.11 7.31
CA VAL A 117 -9.70 -7.77 7.88
C VAL A 117 -10.36 -6.75 6.98
N SER A 118 -11.04 -5.78 7.57
CA SER A 118 -11.67 -4.66 6.83
C SER A 118 -10.73 -3.48 6.67
N ASN B 7 -20.24 14.25 7.63
CA ASN B 7 -19.50 14.16 8.88
C ASN B 7 -18.03 13.80 8.63
N VAL B 8 -17.15 14.75 8.88
CA VAL B 8 -15.70 14.59 8.63
C VAL B 8 -15.04 14.21 9.93
N VAL B 9 -14.16 13.24 9.90
CA VAL B 9 -13.39 12.81 11.08
C VAL B 9 -11.92 12.76 10.69
N ILE B 10 -11.09 13.15 11.63
CA ILE B 10 -9.64 13.00 11.58
C ILE B 10 -9.30 11.62 12.10
N THR B 11 -8.65 10.77 11.38
CA THR B 11 -8.36 9.37 11.76
C THR B 11 -6.95 9.23 12.25
N ILE B 12 -6.76 8.53 13.36
CA ILE B 12 -5.43 8.18 13.87
C ILE B 12 -5.46 6.69 14.22
N PRO B 13 -4.34 6.00 14.20
CA PRO B 13 -4.32 4.58 14.58
C PRO B 13 -4.33 4.44 16.09
N ASP B 14 -4.70 3.24 16.53
CA ASP B 14 -4.36 2.75 17.90
C ASP B 14 -2.94 2.21 17.82
N LYS B 15 -2.16 2.36 18.89
CA LYS B 15 -0.84 1.75 19.00
C LYS B 15 -0.69 1.19 20.41
N THR B 16 0.13 0.17 20.53
CA THR B 16 0.62 -0.28 21.86
C THR B 16 2.02 -0.83 21.69
N SER B 17 2.67 -1.10 22.81
N SER B 17 2.67 -1.10 22.81
CA SER B 17 4.02 -1.65 22.91
CA SER B 17 4.04 -1.64 22.88
C SER B 17 3.92 -3.06 23.49
C SER B 17 3.99 -3.00 23.55
N PHE B 18 4.92 -3.87 23.21
CA PHE B 18 4.99 -5.24 23.73
C PHE B 18 6.41 -5.70 23.83
N THR B 19 6.75 -6.32 24.96
CA THR B 19 8.11 -6.88 25.13
C THR B 19 8.08 -8.39 24.85
N PHE B 20 8.80 -8.82 23.82
CA PHE B 20 8.96 -10.25 23.52
C PHE B 20 10.06 -10.85 24.41
N HIS B 21 11.16 -10.12 24.56
CA HIS B 21 12.31 -10.52 25.41
C HIS B 21 12.84 -9.28 26.11
N GLU B 22 12.87 -9.28 27.44
N GLU B 22 12.94 -9.29 27.43
CA GLU B 22 13.51 -8.19 28.22
CA GLU B 22 13.40 -8.11 28.22
C GLU B 22 14.83 -8.77 28.71
C GLU B 22 14.93 -8.00 28.18
N ALA B 23 15.96 -8.42 28.06
N ALA B 23 15.69 -9.09 28.27
CA ALA B 23 17.34 -8.93 28.37
CA ALA B 23 17.18 -8.99 28.34
C ALA B 23 17.46 -10.48 28.35
C ALA B 23 17.64 -10.45 28.33
N ALA B 24 17.29 -11.12 27.20
N ALA B 24 17.32 -11.11 27.23
CA ALA B 24 17.56 -12.57 27.05
CA ALA B 24 17.56 -12.55 27.07
C ALA B 24 19.06 -12.82 27.04
C ALA B 24 19.06 -12.82 27.04
N THR B 25 19.54 -13.76 27.85
CA THR B 25 20.98 -14.16 27.84
C THR B 25 21.12 -15.65 27.52
N SER B 26 20.02 -16.32 27.24
CA SER B 26 20.03 -17.70 26.78
C SER B 26 18.85 -17.93 25.85
N PRO B 27 18.83 -19.07 25.11
CA PRO B 27 17.75 -19.26 24.14
C PRO B 27 16.38 -19.35 24.81
N SER B 28 15.38 -18.81 24.13
N SER B 28 15.37 -18.79 24.15
CA SER B 28 13.99 -18.76 24.63
CA SER B 28 13.96 -18.99 24.57
C SER B 28 13.05 -18.42 23.49
C SER B 28 13.04 -18.43 23.50
N GLU B 29 11.83 -18.94 23.50
CA GLU B 29 10.79 -18.41 22.60
C GLU B 29 10.28 -17.07 23.09
N GLY B 30 10.41 -16.72 24.36
CA GLY B 30 9.91 -15.44 24.88
C GLY B 30 8.40 -15.34 24.90
N GLU B 31 7.86 -14.16 25.04
CA GLU B 31 6.41 -13.91 25.19
C GLU B 31 5.77 -13.79 23.81
N GLU B 32 4.55 -14.23 23.70
CA GLU B 32 3.80 -14.24 22.42
C GLU B 32 2.78 -13.12 22.46
N PHE B 33 2.68 -12.39 21.35
CA PHE B 33 1.71 -11.27 21.25
C PHE B 33 0.46 -11.75 20.55
N VAL B 34 -0.67 -11.57 21.18
CA VAL B 34 -2.00 -11.81 20.53
C VAL B 34 -2.34 -10.56 19.70
N VAL B 35 -2.44 -10.74 18.41
CA VAL B 35 -2.56 -9.62 17.47
C VAL B 35 -3.81 -8.80 17.77
N GLY B 36 -4.94 -9.43 18.07
CA GLY B 36 -6.14 -8.62 18.33
C GLY B 36 -6.51 -7.78 17.11
N HIS B 37 -6.70 -6.48 17.35
CA HIS B 37 -7.17 -5.61 16.26
C HIS B 37 -6.02 -4.94 15.51
N PHE B 38 -4.77 -5.32 15.75
CA PHE B 38 -3.68 -4.56 15.13
C PHE B 38 -3.35 -5.07 13.74
N ARG B 39 -2.70 -4.24 12.96
CA ARG B 39 -2.39 -4.52 11.55
C ARG B 39 -0.90 -4.68 11.28
N GLU B 40 -0.07 -3.89 11.96
N GLU B 40 -0.07 -3.88 11.95
CA GLU B 40 1.36 -3.81 11.63
CA GLU B 40 1.37 -3.79 11.63
C GLU B 40 2.16 -3.89 12.93
C GLU B 40 2.17 -3.88 12.92
N LEU B 41 3.36 -4.44 12.84
CA LEU B 41 4.30 -4.57 13.96
C LEU B 41 5.66 -4.10 13.49
N THR B 42 6.32 -3.33 14.35
CA THR B 42 7.76 -3.04 14.15
C THR B 42 8.49 -3.53 15.38
N VAL B 43 9.43 -4.44 15.16
CA VAL B 43 10.26 -5.02 16.25
C VAL B 43 11.61 -4.34 16.27
N LYS B 44 12.09 -3.96 17.45
CA LYS B 44 13.46 -3.49 17.64
C LYS B 44 14.26 -4.56 18.35
N ILE B 45 15.39 -4.92 17.77
N ILE B 45 15.40 -4.92 17.78
CA ILE B 45 16.37 -5.88 18.36
CA ILE B 45 16.36 -5.89 18.37
C ILE B 45 17.51 -5.03 18.94
C ILE B 45 17.51 -5.04 18.92
N SER B 46 17.74 -5.10 20.24
N SER B 46 17.75 -5.09 20.22
CA SER B 46 18.73 -4.26 20.92
CA SER B 46 18.76 -4.24 20.89
C SER B 46 19.52 -5.07 21.96
C SER B 46 19.51 -5.07 21.95
N GLY B 47 20.40 -4.39 22.67
CA GLY B 47 21.21 -5.02 23.71
C GLY B 47 22.67 -5.06 23.37
N SER B 48 23.46 -5.73 24.19
CA SER B 48 24.93 -5.69 24.14
C SER B 48 25.54 -7.03 23.72
N SER B 49 24.79 -7.89 23.15
CA SER B 49 25.29 -9.20 22.67
C SER B 49 26.46 -9.00 21.68
N THR B 50 27.34 -9.97 21.59
CA THR B 50 28.37 -10.05 20.54
C THR B 50 27.97 -10.96 19.40
N SER B 51 27.03 -11.87 19.64
N SER B 51 27.03 -11.87 19.63
CA SER B 51 26.46 -12.72 18.57
CA SER B 51 26.44 -12.69 18.55
C SER B 51 25.05 -13.09 19.00
C SER B 51 25.05 -13.09 18.98
N ARG B 52 24.18 -13.33 18.02
CA ARG B 52 22.80 -13.76 18.34
C ARG B 52 22.14 -14.24 17.05
N GLU B 53 21.08 -15.00 17.21
CA GLU B 53 20.18 -15.34 16.11
C GLU B 53 18.75 -15.21 16.63
N ILE B 54 17.94 -14.42 15.93
N ILE B 54 17.94 -14.40 15.96
CA ILE B 54 16.51 -14.23 16.23
CA ILE B 54 16.50 -14.23 16.25
C ILE B 54 15.74 -14.80 15.04
C ILE B 54 15.72 -14.78 15.06
N LYS B 55 14.77 -15.67 15.29
CA LYS B 55 13.88 -16.20 14.25
C LYS B 55 12.49 -15.62 14.48
N PHE B 56 11.85 -15.22 13.38
CA PHE B 56 10.55 -14.53 13.42
C PHE B 56 9.44 -15.51 13.09
N TYR B 57 8.40 -15.54 13.91
CA TYR B 57 7.34 -16.56 13.76
C TYR B 57 5.94 -15.97 13.90
N ALA B 58 5.07 -16.52 13.07
CA ALA B 58 3.60 -16.42 13.26
C ALA B 58 3.16 -17.70 13.95
N VAL B 59 2.22 -17.60 14.87
CA VAL B 59 1.73 -18.75 15.66
C VAL B 59 0.22 -18.79 15.58
N ASP B 60 -0.35 -19.95 15.30
CA ASP B 60 -1.82 -20.06 15.20
C ASP B 60 -2.43 -20.49 16.54
N GLU B 61 -3.72 -20.70 16.55
CA GLU B 61 -4.48 -20.99 17.80
C GLU B 61 -4.04 -22.35 18.36
N ASN B 62 -3.44 -23.23 17.56
CA ASN B 62 -2.97 -24.54 18.05
C ASN B 62 -1.50 -24.54 18.45
N GLY B 63 -0.82 -23.43 18.33
CA GLY B 63 0.60 -23.29 18.69
C GLY B 63 1.56 -23.70 17.58
N GLU B 64 1.09 -23.89 16.35
CA GLU B 64 2.01 -24.20 15.23
C GLU B 64 2.76 -22.91 14.87
N LYS B 65 4.07 -23.01 14.72
CA LYS B 65 4.98 -21.88 14.38
C LYS B 65 5.27 -21.93 12.89
N THR B 66 5.22 -20.76 12.27
CA THR B 66 5.50 -20.62 10.81
C THR B 66 6.48 -19.45 10.63
N ALA B 67 7.57 -19.67 9.92
CA ALA B 67 8.57 -18.61 9.69
C ALA B 67 7.85 -17.42 9.06
N LEU B 68 8.14 -16.23 9.54
CA LEU B 68 7.43 -15.01 9.12
C LEU B 68 8.43 -14.00 8.59
N SER B 69 8.33 -13.64 7.32
N SER B 69 8.34 -13.64 7.32
CA SER B 69 9.22 -12.60 6.73
CA SER B 69 9.23 -12.61 6.73
C SER B 69 8.72 -11.18 7.06
C SER B 69 8.73 -11.19 7.06
N GLY B 70 9.70 -10.32 7.28
CA GLY B 70 9.48 -8.90 7.47
C GLY B 70 10.55 -8.13 6.72
N THR B 71 10.47 -6.81 6.85
CA THR B 71 11.36 -5.89 6.12
C THR B 71 12.24 -5.11 7.09
N ASN B 72 13.54 -5.16 6.84
CA ASN B 72 14.53 -4.43 7.69
C ASN B 72 14.45 -2.94 7.32
N LYS B 73 14.20 -2.11 8.29
CA LYS B 73 14.06 -0.66 8.05
C LYS B 73 15.36 0.02 7.70
N THR B 74 16.49 -0.62 7.86
CA THR B 74 17.79 0.02 7.54
C THR B 74 18.02 -0.04 6.03
N ASP B 75 17.75 -1.17 5.43
CA ASP B 75 18.16 -1.38 4.02
C ASP B 75 17.04 -1.99 3.17
N PHE B 76 15.84 -2.11 3.70
CA PHE B 76 14.68 -2.71 3.00
C PHE B 76 14.95 -4.16 2.64
N GLN B 77 15.87 -4.85 3.27
CA GLN B 77 16.05 -6.30 3.01
C GLN B 77 14.92 -7.10 3.63
N LEU B 78 14.55 -8.18 2.97
CA LEU B 78 13.51 -9.10 3.48
C LEU B 78 14.17 -10.22 4.24
N GLY B 79 13.52 -10.71 5.28
CA GLY B 79 14.01 -11.91 5.95
C GLY B 79 13.08 -12.40 7.03
N SER B 80 13.30 -13.65 7.45
CA SER B 80 12.51 -14.30 8.50
C SER B 80 13.38 -14.57 9.72
N SER B 81 14.56 -13.99 9.75
CA SER B 81 15.48 -14.12 10.89
C SER B 81 16.53 -13.04 10.75
N THR B 82 17.32 -12.87 11.79
CA THR B 82 18.50 -12.00 11.71
C THR B 82 19.60 -12.52 12.61
N LEU B 83 20.83 -12.26 12.17
CA LEU B 83 22.04 -12.50 13.00
C LEU B 83 22.55 -11.19 13.57
N ASN B 84 21.84 -10.08 13.34
CA ASN B 84 22.35 -8.75 13.76
C ASN B 84 21.57 -8.18 14.95
N THR B 85 22.15 -7.18 15.60
CA THR B 85 21.50 -6.38 16.64
C THR B 85 21.36 -4.93 16.11
N ASN B 86 20.66 -4.11 16.86
CA ASN B 86 20.36 -2.70 16.48
C ASN B 86 19.66 -2.68 15.11
N GLU B 87 18.53 -3.34 15.02
CA GLU B 87 17.72 -3.39 13.81
C GLU B 87 16.25 -3.25 14.15
N TYR B 88 15.50 -2.63 13.22
CA TYR B 88 14.04 -2.63 13.22
C TYR B 88 13.55 -3.47 12.06
N TRP B 89 12.54 -4.30 12.36
CA TRP B 89 11.89 -5.17 11.35
C TRP B 89 10.41 -4.87 11.36
N ASP B 90 9.88 -4.68 10.16
CA ASP B 90 8.43 -4.35 9.98
C ASP B 90 7.71 -5.58 9.47
N PHE B 91 6.52 -5.82 10.03
CA PHE B 91 5.70 -7.00 9.64
C PHE B 91 4.26 -6.59 9.45
N ASP B 92 3.64 -7.20 8.48
N ASP B 92 3.63 -7.20 8.47
CA ASP B 92 2.17 -7.15 8.28
CA ASP B 92 2.16 -7.14 8.28
C ASP B 92 1.54 -8.32 9.04
C ASP B 92 1.54 -8.32 9.03
N ILE B 93 0.85 -8.02 10.13
CA ILE B 93 0.37 -9.06 11.07
C ILE B 93 -1.18 -9.13 11.11
N ALA B 94 -1.90 -8.40 10.25
CA ALA B 94 -3.34 -8.20 10.45
C ALA B 94 -4.11 -9.51 10.46
N GLY B 95 -3.69 -10.47 9.66
CA GLY B 95 -4.40 -11.72 9.49
C GLY B 95 -3.79 -12.85 10.30
N LEU B 96 -3.00 -12.55 11.34
CA LEU B 96 -2.33 -13.58 12.18
C LEU B 96 -2.99 -13.63 13.54
N PHE B 97 -2.95 -14.79 14.21
CA PHE B 97 -3.49 -14.91 15.58
C PHE B 97 -2.46 -14.34 16.57
N LYS B 98 -1.26 -14.85 16.52
CA LYS B 98 -0.14 -14.51 17.45
C LYS B 98 1.16 -14.40 16.71
N VAL B 99 2.08 -13.65 17.30
CA VAL B 99 3.46 -13.56 16.77
C VAL B 99 4.46 -13.80 17.90
N MET B 100 5.61 -14.31 17.53
N MET B 100 5.62 -14.29 17.53
CA MET B 100 6.66 -14.76 18.47
CA MET B 100 6.65 -14.74 18.47
C MET B 100 8.01 -14.47 17.83
C MET B 100 8.01 -14.48 17.84
N PHE B 101 8.98 -14.07 18.65
CA PHE B 101 10.36 -13.77 18.18
C PHE B 101 11.30 -14.61 19.02
N GLU B 102 11.79 -15.71 18.47
CA GLU B 102 12.57 -16.70 19.23
C GLU B 102 14.06 -16.25 19.24
N VAL B 103 14.64 -16.27 20.42
CA VAL B 103 16.11 -16.19 20.59
C VAL B 103 16.63 -17.60 20.44
N VAL B 104 17.21 -17.93 19.30
CA VAL B 104 17.80 -19.26 19.04
C VAL B 104 19.13 -19.39 19.74
N SER B 105 19.91 -18.33 19.75
CA SER B 105 21.28 -18.29 20.32
C SER B 105 21.62 -16.86 20.65
N VAL B 106 22.40 -16.69 21.70
CA VAL B 106 22.88 -15.35 22.08
C VAL B 106 24.13 -15.51 22.91
N THR B 107 25.11 -14.67 22.65
CA THR B 107 26.26 -14.46 23.55
C THR B 107 26.16 -13.02 24.06
N GLY B 108 25.81 -12.90 25.34
CA GLY B 108 25.52 -11.60 25.96
C GLY B 108 24.05 -11.45 26.12
N ASP B 109 23.50 -10.29 25.78
CA ASP B 109 22.09 -9.96 26.11
C ASP B 109 21.42 -9.45 24.85
N VAL B 110 20.19 -9.84 24.64
CA VAL B 110 19.40 -9.34 23.49
C VAL B 110 18.00 -8.99 24.00
N THR B 111 17.53 -7.81 23.65
N THR B 111 17.54 -7.80 23.65
CA THR B 111 16.17 -7.32 23.97
CA THR B 111 16.17 -7.32 23.97
C THR B 111 15.36 -7.26 22.66
C THR B 111 15.36 -7.26 22.66
N VAL B 112 14.10 -7.65 22.71
CA VAL B 112 13.23 -7.68 21.52
C VAL B 112 11.90 -7.07 21.93
N LYS B 113 11.59 -5.91 21.41
CA LYS B 113 10.42 -5.12 21.81
C LYS B 113 9.69 -4.65 20.56
N GLY B 114 8.39 -4.50 20.64
CA GLY B 114 7.66 -4.09 19.44
C GLY B 114 6.68 -2.97 19.71
N ILE B 115 6.37 -2.26 18.66
CA ILE B 115 5.26 -1.31 18.63
C ILE B 115 4.29 -1.81 17.53
N VAL B 116 3.01 -1.94 17.90
CA VAL B 116 1.97 -2.43 16.99
C VAL B 116 1.00 -1.28 16.67
N VAL B 117 0.45 -1.29 15.46
CA VAL B 117 -0.35 -0.17 14.93
C VAL B 117 -1.61 -0.74 14.25
N SER B 118 -2.74 -0.12 14.47
CA SER B 118 -4.03 -0.58 13.85
C SER B 118 -4.27 0.14 12.51
N ASN C 7 -23.45 4.32 9.47
CA ASN C 7 -22.92 5.68 9.70
C ASN C 7 -21.70 5.95 8.79
N VAL C 8 -21.81 6.86 7.83
CA VAL C 8 -20.74 7.10 6.84
C VAL C 8 -19.97 8.33 7.28
N VAL C 9 -18.67 8.21 7.30
CA VAL C 9 -17.80 9.35 7.69
C VAL C 9 -16.80 9.57 6.56
N ILE C 10 -16.50 10.84 6.35
CA ILE C 10 -15.40 11.29 5.45
C ILE C 10 -14.15 11.32 6.29
N THR C 11 -13.12 10.61 5.91
CA THR C 11 -11.91 10.47 6.71
C THR C 11 -10.83 11.36 6.14
N ILE C 12 -10.12 12.06 7.02
CA ILE C 12 -8.92 12.83 6.64
C ILE C 12 -7.85 12.53 7.66
N PRO C 13 -6.58 12.65 7.29
CA PRO C 13 -5.49 12.40 8.22
C PRO C 13 -5.34 13.58 9.16
N ASP C 14 -4.69 13.29 10.32
CA ASP C 14 -4.06 14.36 11.12
C ASP C 14 -2.73 14.67 10.47
N LYS C 15 -2.31 15.94 10.44
CA LYS C 15 -1.00 16.33 10.00
C LYS C 15 -0.42 17.35 10.95
N THR C 16 0.91 17.33 11.03
CA THR C 16 1.63 18.42 11.70
C THR C 16 2.96 18.61 11.02
N SER C 17 3.56 19.75 11.32
CA SER C 17 4.90 20.14 10.82
C SER C 17 5.88 20.08 11.97
N PHE C 18 7.11 19.73 11.66
CA PHE C 18 8.18 19.62 12.67
C PHE C 18 9.49 20.12 12.08
N THR C 19 10.20 20.92 12.86
CA THR C 19 11.51 21.39 12.46
C THR C 19 12.60 20.60 13.13
N PHE C 20 13.37 19.84 12.39
CA PHE C 20 14.52 19.07 12.92
C PHE C 20 15.72 20.06 13.05
N HIS C 21 15.92 20.84 11.98
CA HIS C 21 16.97 21.87 11.92
C HIS C 21 16.42 23.10 11.23
N GLU C 22 16.54 24.26 11.90
N GLU C 22 16.53 24.26 11.88
CA GLU C 22 16.28 25.58 11.25
CA GLU C 22 15.96 25.54 11.37
C GLU C 22 17.63 26.19 10.87
C GLU C 22 16.83 26.14 10.26
N ALA C 23 17.98 26.18 9.55
N ALA C 23 18.15 26.12 10.41
CA ALA C 23 19.23 26.79 9.01
CA ALA C 23 19.11 26.85 9.56
C ALA C 23 20.46 26.40 9.84
C ALA C 23 20.44 26.42 10.15
N ALA C 24 20.69 25.10 10.04
N ALA C 24 20.70 25.13 10.06
CA ALA C 24 21.92 24.53 10.63
CA ALA C 24 21.92 24.57 10.63
C ALA C 24 23.13 25.03 9.83
C ALA C 24 23.12 25.04 9.84
N THR C 25 24.16 25.48 10.56
CA THR C 25 25.42 25.92 9.96
C THR C 25 26.58 25.10 10.51
N SER C 26 26.31 24.13 11.37
CA SER C 26 27.35 23.25 11.94
C SER C 26 26.74 21.91 12.28
N PRO C 27 27.57 20.90 12.53
CA PRO C 27 27.03 19.57 12.78
C PRO C 27 26.20 19.53 14.07
N SER C 28 25.11 18.78 14.00
N SER C 28 25.10 18.80 14.00
CA SER C 28 24.14 18.67 15.12
CA SER C 28 24.27 18.56 15.22
C SER C 28 23.24 17.46 14.89
C SER C 28 23.23 17.49 14.91
N GLU C 29 22.80 16.80 15.96
CA GLU C 29 21.71 15.84 15.82
C GLU C 29 20.39 16.56 15.63
N GLY C 30 20.21 17.80 16.04
CA GLY C 30 18.96 18.54 15.90
C GLY C 30 17.90 18.01 16.83
N GLU C 31 16.67 18.42 16.58
CA GLU C 31 15.53 18.07 17.46
C GLU C 31 15.01 16.69 17.05
N GLU C 32 14.62 15.91 18.04
CA GLU C 32 14.05 14.57 17.77
C GLU C 32 12.52 14.68 17.75
N PHE C 33 11.88 14.00 16.83
CA PHE C 33 10.41 13.99 16.74
C PHE C 33 9.90 12.71 17.40
N VAL C 34 9.06 12.92 18.38
CA VAL C 34 8.34 11.77 19.02
C VAL C 34 7.15 11.43 18.13
N VAL C 35 7.17 10.20 17.63
CA VAL C 35 6.22 9.79 16.57
C VAL C 35 4.78 9.89 17.04
N GLY C 36 4.50 9.49 18.28
CA GLY C 36 3.11 9.59 18.77
C GLY C 36 2.16 8.76 17.92
N HIS C 37 1.09 9.37 17.45
CA HIS C 37 0.07 8.66 16.66
C HIS C 37 0.32 8.74 15.15
N PHE C 38 1.45 9.24 14.69
CA PHE C 38 1.64 9.41 13.25
C PHE C 38 2.13 8.17 12.55
N ARG C 39 1.93 8.11 11.25
N ARG C 39 1.96 8.11 11.24
CA ARG C 39 2.32 6.94 10.44
CA ARG C 39 2.27 6.92 10.43
C ARG C 39 3.42 7.20 9.44
C ARG C 39 3.39 7.20 9.43
N GLU C 40 3.41 8.39 8.84
N GLU C 40 3.39 8.39 8.81
CA GLU C 40 4.29 8.69 7.68
CA GLU C 40 4.27 8.70 7.64
C GLU C 40 4.94 10.04 7.95
C GLU C 40 4.93 10.04 7.91
N LEU C 41 6.15 10.21 7.38
CA LEU C 41 6.90 11.45 7.49
C LEU C 41 7.47 11.74 6.10
N THR C 42 7.38 13.02 5.71
CA THR C 42 8.12 13.53 4.53
C THR C 42 9.04 14.62 5.05
N VAL C 43 10.34 14.42 4.84
CA VAL C 43 11.34 15.45 5.23
C VAL C 43 11.77 16.19 4.00
N LYS C 44 11.84 17.52 4.12
CA LYS C 44 12.39 18.40 3.09
C LYS C 44 13.74 18.88 3.59
N ILE C 45 14.74 18.66 2.75
N ILE C 45 14.74 18.67 2.74
CA ILE C 45 16.12 19.16 2.94
CA ILE C 45 16.11 19.17 2.98
C ILE C 45 16.25 20.42 2.08
C ILE C 45 16.25 20.38 2.08
N SER C 46 16.49 21.57 2.71
N SER C 46 16.48 21.56 2.65
CA SER C 46 16.50 22.86 2.00
CA SER C 46 16.61 22.80 1.86
C SER C 46 17.62 23.73 2.53
C SER C 46 17.72 23.67 2.44
N GLY C 47 17.76 24.92 1.99
CA GLY C 47 18.86 25.81 2.37
C GLY C 47 19.77 26.09 1.27
N SER C 48 20.88 26.78 1.55
N SER C 48 20.88 26.74 1.56
CA SER C 48 21.88 27.28 0.58
CA SER C 48 21.87 27.21 0.58
C SER C 48 23.23 26.74 1.02
C SER C 48 23.20 26.68 1.06
N SER C 49 23.76 25.72 0.37
CA SER C 49 25.01 25.07 0.81
C SER C 49 25.81 24.66 -0.40
N THR C 50 27.12 24.54 -0.19
CA THR C 50 28.08 23.96 -1.19
C THR C 50 28.13 22.42 -1.01
N SER C 51 28.03 21.98 0.24
CA SER C 51 28.05 20.54 0.56
C SER C 51 27.29 20.40 1.87
N ARG C 52 26.81 19.17 2.10
CA ARG C 52 26.12 18.82 3.34
C ARG C 52 25.94 17.31 3.38
N GLU C 53 25.82 16.78 4.58
CA GLU C 53 25.50 15.35 4.74
C GLU C 53 24.47 15.23 5.83
N ILE C 54 23.36 14.59 5.51
N ILE C 54 23.33 14.61 5.50
CA ILE C 54 22.23 14.34 6.45
CA ILE C 54 22.23 14.35 6.46
C ILE C 54 22.11 12.83 6.63
C ILE C 54 22.11 12.83 6.63
N LYS C 55 22.18 12.35 7.85
CA LYS C 55 21.93 10.90 8.13
C LYS C 55 20.58 10.76 8.83
N PHE C 56 19.83 9.76 8.37
CA PHE C 56 18.43 9.54 8.81
C PHE C 56 18.42 8.44 9.87
N TYR C 57 17.81 8.72 11.01
CA TYR C 57 17.82 7.74 12.12
C TYR C 57 16.46 7.56 12.76
N ALA C 58 16.23 6.32 13.15
CA ALA C 58 15.21 5.94 14.14
C ALA C 58 15.89 5.87 15.49
N VAL C 59 15.20 6.29 16.53
CA VAL C 59 15.75 6.29 17.90
C VAL C 59 14.78 5.61 18.83
N ASP C 60 15.27 4.68 19.62
CA ASP C 60 14.39 3.97 20.56
C ASP C 60 14.35 4.68 21.92
N GLU C 61 13.63 4.08 22.87
N GLU C 61 13.62 4.09 22.86
CA GLU C 61 13.36 4.70 24.18
CA GLU C 61 13.37 4.69 24.20
C GLU C 61 14.68 4.82 24.96
C GLU C 61 14.67 4.82 24.98
N ASN C 62 15.72 4.07 24.62
CA ASN C 62 17.03 4.13 25.30
C ASN C 62 18.02 5.05 24.60
N GLY C 63 17.64 5.67 23.49
CA GLY C 63 18.51 6.58 22.74
C GLY C 63 19.40 5.88 21.72
N GLU C 64 19.22 4.58 21.49
CA GLU C 64 20.03 3.90 20.44
C GLU C 64 19.54 4.42 19.08
N LYS C 65 20.47 4.76 18.22
CA LYS C 65 20.20 5.23 16.85
C LYS C 65 20.38 4.11 15.85
N THR C 66 19.44 4.01 14.93
CA THR C 66 19.48 3.00 13.86
C THR C 66 19.29 3.71 12.52
N ALA C 67 20.17 3.44 11.56
CA ALA C 67 20.05 4.03 10.23
C ALA C 67 18.66 3.68 9.67
N LEU C 68 17.96 4.68 9.15
CA LEU C 68 16.56 4.51 8.69
C LEU C 68 16.47 4.85 7.21
N SER C 69 16.08 3.92 6.38
N SER C 69 16.06 3.92 6.39
CA SER C 69 15.91 4.16 4.93
CA SER C 69 15.92 4.17 4.94
C SER C 69 14.56 4.81 4.64
C SER C 69 14.57 4.81 4.65
N GLY C 70 14.59 5.71 3.67
CA GLY C 70 13.39 6.32 3.09
C GLY C 70 13.53 6.39 1.59
N THR C 71 12.52 7.00 0.98
CA THR C 71 12.41 7.07 -0.47
C THR C 71 12.43 8.51 -0.94
N ASN C 72 13.32 8.78 -1.88
CA ASN C 72 13.47 10.15 -2.44
C ASN C 72 12.30 10.40 -3.43
N LYS C 73 11.57 11.47 -3.21
CA LYS C 73 10.38 11.73 -4.04
C LYS C 73 10.73 12.16 -5.48
N THR C 74 11.94 12.54 -5.73
CA THR C 74 12.35 12.95 -7.09
C THR C 74 12.59 11.78 -8.02
N ASP C 75 13.25 10.76 -7.52
CA ASP C 75 13.69 9.63 -8.40
C ASP C 75 13.33 8.26 -7.81
N PHE C 76 12.62 8.20 -6.70
CA PHE C 76 12.24 6.95 -6.01
C PHE C 76 13.50 6.19 -5.56
N GLN C 77 14.64 6.81 -5.42
CA GLN C 77 15.83 6.10 -4.90
C GLN C 77 15.68 5.91 -3.38
N LEU C 78 16.22 4.79 -2.90
CA LEU C 78 16.19 4.47 -1.46
C LEU C 78 17.48 4.95 -0.84
N GLY C 79 17.41 5.33 0.41
CA GLY C 79 18.64 5.67 1.13
C GLY C 79 18.41 5.97 2.59
N SER C 80 19.46 5.87 3.38
CA SER C 80 19.45 6.22 4.81
C SER C 80 20.27 7.48 5.09
N SER C 81 20.65 8.17 4.04
CA SER C 81 21.38 9.46 4.19
C SER C 81 21.28 10.14 2.85
N THR C 82 21.69 11.39 2.82
CA THR C 82 21.89 12.10 1.55
C THR C 82 23.02 13.13 1.65
N LEU C 83 23.65 13.31 0.49
CA LEU C 83 24.67 14.36 0.28
C LEU C 83 24.08 15.51 -0.52
N ASN C 84 22.79 15.51 -0.79
CA ASN C 84 22.14 16.52 -1.64
C ASN C 84 21.19 17.39 -0.82
N THR C 85 20.92 18.56 -1.35
CA THR C 85 19.87 19.44 -0.83
C THR C 85 18.74 19.53 -1.87
N ASN C 86 17.67 20.23 -1.52
CA ASN C 86 16.43 20.34 -2.33
C ASN C 86 15.88 18.93 -2.64
N GLU C 87 15.57 18.20 -1.57
CA GLU C 87 15.07 16.84 -1.70
C GLU C 87 13.96 16.65 -0.70
N TYR C 88 12.96 15.84 -1.08
CA TYR C 88 11.99 15.26 -0.15
C TYR C 88 12.26 13.76 0.00
N TRP C 89 12.20 13.33 1.23
CA TRP C 89 12.37 11.90 1.59
C TRP C 89 11.17 11.45 2.41
N ASP C 90 10.59 10.34 1.98
CA ASP C 90 9.40 9.74 2.62
C ASP C 90 9.80 8.54 3.47
N PHE C 91 9.21 8.47 4.67
CA PHE C 91 9.50 7.40 5.63
C PHE C 91 8.21 6.86 6.21
N ASP C 92 8.21 5.56 6.42
N ASP C 92 8.20 5.55 6.42
CA ASP C 92 7.19 4.86 7.23
CA ASP C 92 7.19 4.86 7.22
C ASP C 92 7.68 4.81 8.66
C ASP C 92 7.68 4.81 8.66
N ILE C 93 7.03 5.53 9.55
CA ILE C 93 7.50 5.74 10.93
C ILE C 93 6.54 5.15 11.95
N ALA C 94 5.47 4.49 11.54
CA ALA C 94 4.35 4.21 12.48
C ALA C 94 4.82 3.38 13.68
N GLY C 95 5.78 2.49 13.51
CA GLY C 95 6.23 1.61 14.59
C GLY C 95 7.48 2.09 15.29
N LEU C 96 7.82 3.37 15.14
CA LEU C 96 9.05 3.89 15.74
C LEU C 96 8.73 4.78 16.93
N PHE C 97 9.63 4.87 17.89
CA PHE C 97 9.42 5.78 19.05
C PHE C 97 9.73 7.23 18.65
N LYS C 98 10.91 7.43 18.09
CA LYS C 98 11.41 8.77 17.70
C LYS C 98 12.13 8.67 16.38
N VAL C 99 12.26 9.82 15.70
CA VAL C 99 13.12 9.95 14.50
C VAL C 99 13.98 11.20 14.67
N MET C 100 15.14 11.11 14.05
N MET C 100 15.14 11.12 14.04
CA MET C 100 16.20 12.15 14.13
CA MET C 100 16.20 12.15 14.15
C MET C 100 16.83 12.26 12.76
C MET C 100 16.85 12.27 12.77
N PHE C 101 17.18 13.50 12.37
CA PHE C 101 17.87 13.76 11.10
C PHE C 101 19.14 14.51 11.42
N GLU C 102 20.27 13.83 11.44
CA GLU C 102 21.55 14.39 11.90
C GLU C 102 22.21 15.16 10.76
N VAL C 103 22.60 16.38 11.03
CA VAL C 103 23.52 17.16 10.15
C VAL C 103 24.92 16.69 10.52
N VAL C 104 25.51 15.85 9.69
CA VAL C 104 26.90 15.39 9.92
C VAL C 104 27.86 16.53 9.53
N SER C 105 27.53 17.21 8.42
CA SER C 105 28.34 18.37 7.98
C SER C 105 27.46 19.28 7.16
N VAL C 106 27.83 20.54 7.12
CA VAL C 106 27.22 21.51 6.17
C VAL C 106 28.23 22.60 5.95
N THR C 107 28.44 22.95 4.68
CA THR C 107 29.18 24.17 4.29
C THR C 107 28.12 25.12 3.71
N GLY C 108 27.82 26.19 4.40
CA GLY C 108 26.64 26.99 4.13
C GLY C 108 25.60 26.74 5.18
N ASP C 109 24.35 26.50 4.77
CA ASP C 109 23.25 26.24 5.73
C ASP C 109 22.32 25.19 5.17
N VAL C 110 21.73 24.43 6.09
CA VAL C 110 20.78 23.38 5.70
C VAL C 110 19.61 23.43 6.68
N THR C 111 18.41 23.41 6.14
N THR C 111 18.41 23.37 6.14
CA THR C 111 17.14 23.32 6.89
CA THR C 111 17.14 23.30 6.89
C THR C 111 16.55 21.93 6.67
C THR C 111 16.55 21.93 6.67
N VAL C 112 16.03 21.35 7.75
CA VAL C 112 15.46 20.00 7.72
C VAL C 112 14.13 20.06 8.41
N LYS C 113 13.05 19.92 7.66
CA LYS C 113 11.69 20.13 8.18
C LYS C 113 10.81 19.02 7.68
N GLY C 114 9.87 18.59 8.48
CA GLY C 114 8.99 17.49 8.06
C GLY C 114 7.53 17.85 8.17
N ILE C 115 6.77 17.12 7.38
CA ILE C 115 5.31 17.01 7.53
C ILE C 115 5.01 15.56 7.85
N VAL C 116 4.28 15.37 8.94
N VAL C 116 4.25 15.38 8.92
CA VAL C 116 3.89 14.01 9.41
CA VAL C 116 3.89 14.05 9.46
C VAL C 116 2.39 13.84 9.24
C VAL C 116 2.39 13.84 9.26
N VAL C 117 2.01 12.60 8.98
CA VAL C 117 0.66 12.26 8.53
C VAL C 117 0.19 11.02 9.31
N SER C 118 -1.02 11.04 9.81
CA SER C 118 -1.59 9.86 10.52
C SER C 118 -2.32 8.92 9.57
N ASN D 7 -18.61 0.56 17.86
CA ASN D 7 -19.11 1.66 16.96
C ASN D 7 -18.49 1.58 15.55
N VAL D 8 -19.28 1.17 14.56
CA VAL D 8 -18.76 0.81 13.22
C VAL D 8 -19.09 2.00 12.34
N VAL D 9 -18.14 2.43 11.55
CA VAL D 9 -18.35 3.54 10.59
C VAL D 9 -17.90 3.04 9.22
N ILE D 10 -18.62 3.51 8.22
CA ILE D 10 -18.26 3.32 6.80
C ILE D 10 -17.38 4.49 6.41
N THR D 11 -16.20 4.24 5.92
CA THR D 11 -15.23 5.34 5.66
C THR D 11 -15.16 5.64 4.17
N ILE D 12 -15.19 6.91 3.81
CA ILE D 12 -14.98 7.35 2.41
C ILE D 12 -14.01 8.52 2.47
N PRO D 13 -13.24 8.72 1.40
CA PRO D 13 -12.30 9.85 1.36
C PRO D 13 -13.06 11.12 1.07
N ASP D 14 -12.41 12.25 1.45
CA ASP D 14 -12.73 13.57 0.87
C ASP D 14 -12.09 13.65 -0.51
N LYS D 15 -12.72 14.28 -1.46
CA LYS D 15 -12.14 14.57 -2.77
C LYS D 15 -12.45 15.99 -3.16
N THR D 16 -11.59 16.58 -3.96
CA THR D 16 -11.92 17.82 -4.66
C THR D 16 -11.20 17.83 -5.99
N SER D 17 -11.59 18.79 -6.82
N SER D 17 -11.59 18.77 -6.86
CA SER D 17 -11.00 19.03 -8.15
CA SER D 17 -10.97 18.95 -8.19
C SER D 17 -10.20 20.34 -8.07
C SER D 17 -10.33 20.33 -8.24
N PHE D 18 -9.16 20.39 -8.88
CA PHE D 18 -8.35 21.63 -8.99
C PHE D 18 -7.82 21.78 -10.39
N THR D 19 -7.94 23.01 -10.89
CA THR D 19 -7.41 23.37 -12.19
C THR D 19 -6.05 24.03 -12.05
N PHE D 20 -4.99 23.37 -12.54
CA PHE D 20 -3.64 23.99 -12.56
C PHE D 20 -3.53 24.90 -13.77
N HIS D 21 -4.03 24.46 -14.92
CA HIS D 21 -4.03 25.17 -16.19
C HIS D 21 -5.36 24.91 -16.90
N GLU D 22 -6.10 25.96 -17.26
N GLU D 22 -6.09 25.99 -17.20
CA GLU D 22 -7.27 25.84 -18.17
CA GLU D 22 -7.43 25.90 -17.81
C GLU D 22 -6.83 26.31 -19.55
C GLU D 22 -7.33 25.63 -19.30
N ALA D 23 -6.63 25.37 -20.50
N ALA D 23 -6.42 26.27 -20.01
CA ALA D 23 -6.25 25.63 -21.90
CA ALA D 23 -6.35 26.20 -21.50
C ALA D 23 -5.11 26.67 -22.00
C ALA D 23 -5.10 27.01 -21.79
N ALA D 24 -3.96 26.47 -21.31
N ALA D 24 -3.96 26.47 -21.36
CA ALA D 24 -2.68 27.19 -21.46
CA ALA D 24 -2.68 27.19 -21.49
C ALA D 24 -2.28 27.14 -22.94
C ALA D 24 -2.19 27.11 -22.93
N THR D 25 -1.89 28.27 -23.54
CA THR D 25 -1.37 28.32 -24.93
C THR D 25 0.02 28.92 -24.94
N SER D 26 0.55 29.25 -23.77
CA SER D 26 1.96 29.70 -23.68
C SER D 26 2.50 29.23 -22.33
N PRO D 27 3.83 29.28 -22.15
CA PRO D 27 4.40 28.81 -20.90
C PRO D 27 3.89 29.53 -19.66
N SER D 28 3.71 28.78 -18.59
N SER D 28 3.65 28.78 -18.59
CA SER D 28 3.23 29.32 -17.30
CA SER D 28 3.35 29.40 -17.28
C SER D 28 3.47 28.29 -16.20
C SER D 28 3.43 28.31 -16.21
N GLU D 29 3.68 28.73 -14.98
CA GLU D 29 3.62 27.88 -13.80
C GLU D 29 2.18 27.57 -13.47
N GLY D 30 1.19 28.34 -13.89
CA GLY D 30 -0.22 28.06 -13.57
C GLY D 30 -0.51 28.29 -12.09
N GLU D 31 -1.53 27.66 -11.58
CA GLU D 31 -1.97 27.81 -10.20
C GLU D 31 -1.30 26.73 -9.35
N GLU D 32 -0.92 27.05 -8.14
CA GLU D 32 -0.38 26.11 -7.15
C GLU D 32 -1.52 25.56 -6.28
N PHE D 33 -1.47 24.28 -5.95
CA PHE D 33 -2.45 23.62 -5.09
C PHE D 33 -1.84 23.52 -3.71
N VAL D 34 -2.51 24.07 -2.71
CA VAL D 34 -2.12 23.87 -1.29
C VAL D 34 -2.71 22.53 -0.86
N VAL D 35 -1.83 21.61 -0.49
CA VAL D 35 -2.25 20.21 -0.25
C VAL D 35 -3.22 20.10 0.91
N GLY D 36 -3.09 20.85 1.96
CA GLY D 36 -4.01 20.77 3.08
C GLY D 36 -4.10 19.36 3.62
N HIS D 37 -5.32 18.80 3.73
CA HIS D 37 -5.50 17.47 4.36
C HIS D 37 -5.46 16.34 3.32
N PHE D 38 -5.10 16.59 2.08
CA PHE D 38 -5.17 15.53 1.05
C PHE D 38 -3.94 14.66 1.03
N ARG D 39 -4.08 13.46 0.50
N ARG D 39 -4.08 13.46 0.47
CA ARG D 39 -3.01 12.45 0.47
CA ARG D 39 -3.00 12.44 0.48
C ARG D 39 -2.51 12.16 -0.93
C ARG D 39 -2.53 12.14 -0.94
N GLU D 40 -3.41 12.11 -1.90
N GLU D 40 -3.42 12.11 -1.92
CA GLU D 40 -3.11 11.64 -3.27
CA GLU D 40 -3.06 11.65 -3.28
C GLU D 40 -3.65 12.63 -4.27
C GLU D 40 -3.65 12.63 -4.27
N LEU D 41 -2.97 12.71 -5.42
CA LEU D 41 -3.37 13.56 -6.53
C LEU D 41 -3.28 12.75 -7.83
N THR D 42 -4.28 12.89 -8.67
CA THR D 42 -4.20 12.40 -10.05
C THR D 42 -4.42 13.58 -10.99
N VAL D 43 -3.44 13.81 -11.86
N VAL D 43 -3.44 13.86 -11.84
CA VAL D 43 -3.43 14.91 -12.86
CA VAL D 43 -3.68 14.91 -12.86
C VAL D 43 -3.78 14.34 -14.22
C VAL D 43 -3.90 14.27 -14.21
N LYS D 44 -4.72 14.98 -14.93
CA LYS D 44 -5.01 14.67 -16.34
C LYS D 44 -4.41 15.80 -17.17
N ILE D 45 -3.63 15.42 -18.16
N ILE D 45 -3.61 15.43 -18.16
CA ILE D 45 -3.07 16.35 -19.18
CA ILE D 45 -3.06 16.34 -19.21
C ILE D 45 -3.91 16.16 -20.43
C ILE D 45 -3.95 16.19 -20.43
N SER D 46 -4.59 17.20 -20.88
N SER D 46 -4.64 17.22 -20.85
CA SER D 46 -5.57 17.13 -21.97
CA SER D 46 -5.57 17.12 -21.99
C SER D 46 -5.38 18.37 -22.88
C SER D 46 -5.44 18.40 -22.84
N GLY D 47 -6.26 18.47 -23.86
CA GLY D 47 -6.29 19.57 -24.79
C GLY D 47 -5.91 19.17 -26.18
N SER D 48 -5.82 20.15 -27.04
N SER D 48 -5.84 20.15 -27.06
CA SER D 48 -5.52 19.94 -28.49
CA SER D 48 -5.53 19.90 -28.49
C SER D 48 -4.13 20.41 -28.86
C SER D 48 -4.13 20.36 -28.86
N SER D 49 -3.24 20.60 -27.89
CA SER D 49 -1.85 20.98 -28.19
C SER D 49 -1.22 19.98 -29.13
N THR D 50 -0.29 20.41 -29.97
CA THR D 50 0.46 19.50 -30.87
C THR D 50 1.81 19.16 -30.31
N SER D 51 2.31 19.91 -29.34
CA SER D 51 3.54 19.55 -28.58
C SER D 51 3.46 20.32 -27.28
N ARG D 52 4.14 19.83 -26.27
CA ARG D 52 4.18 20.48 -24.96
C ARG D 52 5.22 19.80 -24.08
N GLU D 53 5.64 20.49 -23.04
CA GLU D 53 6.44 19.86 -21.97
C GLU D 53 5.86 20.36 -20.66
N ILE D 54 5.51 19.41 -19.80
N ILE D 54 5.46 19.41 -19.81
CA ILE D 54 4.95 19.69 -18.45
CA ILE D 54 4.97 19.74 -18.45
C ILE D 54 5.95 19.16 -17.44
C ILE D 54 5.95 19.16 -17.44
N LYS D 55 6.39 19.97 -16.49
CA LYS D 55 7.26 19.52 -15.39
C LYS D 55 6.47 19.54 -14.09
N PHE D 56 6.66 18.48 -13.33
CA PHE D 56 5.89 18.24 -12.10
C PHE D 56 6.72 18.68 -10.88
N TYR D 57 6.13 19.49 -10.02
CA TYR D 57 6.88 20.05 -8.89
C TYR D 57 6.12 19.95 -7.57
N ALA D 58 6.91 19.69 -6.55
CA ALA D 58 6.52 19.99 -5.16
C ALA D 58 7.12 21.34 -4.80
N VAL D 59 6.40 22.11 -4.04
CA VAL D 59 6.85 23.48 -3.67
C VAL D 59 6.68 23.64 -2.17
N ASP D 60 7.76 24.08 -1.52
CA ASP D 60 7.70 24.26 -0.06
C ASP D 60 7.25 25.67 0.32
N GLU D 61 7.25 25.96 1.63
CA GLU D 61 6.71 27.24 2.13
C GLU D 61 7.55 28.42 1.69
N ASN D 62 8.78 28.20 1.23
CA ASN D 62 9.66 29.29 0.76
C ASN D 62 9.62 29.44 -0.74
N GLY D 63 8.90 28.59 -1.45
CA GLY D 63 8.81 28.65 -2.92
C GLY D 63 9.86 27.85 -3.61
N GLU D 64 10.69 27.05 -2.89
CA GLU D 64 11.66 26.19 -3.60
C GLU D 64 10.88 25.08 -4.31
N LYS D 65 11.20 24.85 -5.56
CA LYS D 65 10.57 23.86 -6.43
C LYS D 65 11.47 22.62 -6.46
N THR D 66 10.84 21.46 -6.36
CA THR D 66 11.57 20.15 -6.40
C THR D 66 10.86 19.24 -7.41
N ALA D 67 11.61 18.68 -8.31
CA ALA D 67 11.06 17.72 -9.27
C ALA D 67 10.34 16.60 -8.49
N LEU D 68 9.11 16.31 -8.93
CA LEU D 68 8.25 15.35 -8.20
C LEU D 68 7.87 14.23 -9.15
N SER D 69 8.28 13.00 -8.82
N SER D 69 8.28 13.01 -8.81
CA SER D 69 7.90 11.85 -9.66
CA SER D 69 7.94 11.83 -9.63
C SER D 69 6.50 11.32 -9.31
C SER D 69 6.55 11.28 -9.31
N GLY D 70 5.80 10.94 -10.36
CA GLY D 70 4.54 10.21 -10.28
C GLY D 70 4.54 9.06 -11.22
N THR D 71 3.37 8.41 -11.26
CA THR D 71 3.17 7.16 -12.01
C THR D 71 2.12 7.38 -13.08
N ASN D 72 2.48 7.06 -14.32
CA ASN D 72 1.58 7.17 -15.48
C ASN D 72 0.58 6.00 -15.38
N LYS D 73 -0.71 6.33 -15.38
CA LYS D 73 -1.73 5.26 -15.24
C LYS D 73 -1.89 4.45 -16.49
N THR D 74 -1.35 4.80 -17.62
CA THR D 74 -1.47 3.98 -18.86
C THR D 74 -0.47 2.83 -18.82
N ASP D 75 0.74 3.10 -18.40
CA ASP D 75 1.82 2.07 -18.52
C ASP D 75 2.62 1.87 -17.25
N PHE D 76 2.23 2.49 -16.14
CA PHE D 76 2.93 2.40 -14.84
C PHE D 76 4.36 2.97 -14.96
N GLN D 77 4.68 3.76 -15.96
CA GLN D 77 6.02 4.39 -16.01
C GLN D 77 6.09 5.50 -14.96
N LEU D 78 7.28 5.70 -14.44
CA LEU D 78 7.59 6.74 -13.46
C LEU D 78 8.15 7.93 -14.23
N GLY D 79 7.87 9.12 -13.74
CA GLY D 79 8.47 10.30 -14.29
C GLY D 79 8.12 11.55 -13.55
N SER D 80 8.96 12.57 -13.77
CA SER D 80 8.79 13.90 -13.13
C SER D 80 8.45 14.96 -14.17
N SER D 81 8.15 14.53 -15.38
CA SER D 81 7.73 15.43 -16.46
C SER D 81 7.11 14.58 -17.55
N THR D 82 6.47 15.25 -18.51
CA THR D 82 5.99 14.55 -19.71
C THR D 82 6.02 15.46 -20.91
N LEU D 83 6.23 14.85 -22.06
CA LEU D 83 6.10 15.50 -23.40
C LEU D 83 4.76 15.11 -24.04
N ASN D 84 3.99 14.25 -23.38
CA ASN D 84 2.75 13.70 -23.96
C ASN D 84 1.51 14.43 -23.46
N THR D 85 0.42 14.19 -24.16
CA THR D 85 -0.94 14.61 -23.80
C THR D 85 -1.79 13.35 -23.64
N ASN D 86 -3.01 13.55 -23.16
CA ASN D 86 -3.99 12.45 -22.89
C ASN D 86 -3.33 11.45 -21.94
N GLU D 87 -2.95 11.93 -20.77
CA GLU D 87 -2.27 11.08 -19.76
C GLU D 87 -2.74 11.46 -18.40
N TYR D 88 -2.84 10.44 -17.54
CA TYR D 88 -3.06 10.58 -16.09
C TYR D 88 -1.78 10.24 -15.36
N TRP D 89 -1.45 11.05 -14.37
CA TRP D 89 -0.28 10.85 -13.50
C TRP D 89 -0.77 10.88 -12.06
N ASP D 90 -0.36 9.85 -11.32
CA ASP D 90 -0.69 9.72 -9.89
C ASP D 90 0.50 10.13 -9.04
N PHE D 91 0.22 10.83 -7.95
CA PHE D 91 1.24 11.33 -7.02
C PHE D 91 0.81 11.11 -5.58
N ASP D 92 1.78 10.77 -4.76
N ASP D 92 1.78 10.77 -4.76
CA ASP D 92 1.64 10.77 -3.29
CA ASP D 92 1.60 10.75 -3.29
C ASP D 92 2.07 12.13 -2.77
C ASP D 92 2.07 12.11 -2.76
N ILE D 93 1.12 12.91 -2.28
CA ILE D 93 1.35 14.31 -1.92
C ILE D 93 1.16 14.58 -0.43
N ALA D 94 0.93 13.58 0.40
CA ALA D 94 0.48 13.82 1.77
C ALA D 94 1.43 14.67 2.58
N GLY D 95 2.71 14.48 2.31
CA GLY D 95 3.76 15.19 3.07
C GLY D 95 4.26 16.47 2.43
N LEU D 96 3.55 17.02 1.47
CA LEU D 96 3.98 18.21 0.71
C LEU D 96 3.12 19.39 1.10
N PHE D 97 3.74 20.59 1.06
CA PHE D 97 2.98 21.85 1.27
C PHE D 97 2.13 22.20 0.07
N LYS D 98 2.75 22.27 -1.09
CA LYS D 98 2.10 22.67 -2.36
C LYS D 98 2.59 21.83 -3.50
N VAL D 99 1.77 21.75 -4.53
CA VAL D 99 2.19 21.15 -5.82
C VAL D 99 1.89 22.12 -6.96
N MET D 100 2.70 22.03 -7.99
N MET D 100 2.71 22.05 -7.99
CA MET D 100 2.66 22.90 -9.17
CA MET D 100 2.61 22.93 -9.17
C MET D 100 2.99 22.07 -10.40
C MET D 100 3.03 22.14 -10.40
N PHE D 101 2.34 22.36 -11.51
CA PHE D 101 2.59 21.73 -12.80
C PHE D 101 2.99 22.82 -13.79
N GLU D 102 4.24 22.89 -14.17
CA GLU D 102 4.69 23.97 -15.05
C GLU D 102 4.51 23.58 -16.50
N VAL D 103 3.86 24.41 -17.29
CA VAL D 103 3.91 24.31 -18.77
C VAL D 103 5.18 25.02 -19.20
N VAL D 104 6.21 24.26 -19.50
CA VAL D 104 7.51 24.81 -19.93
C VAL D 104 7.43 25.29 -21.38
N SER D 105 6.71 24.54 -22.19
CA SER D 105 6.54 24.85 -23.62
C SER D 105 5.23 24.26 -24.05
N VAL D 106 4.59 24.90 -25.01
CA VAL D 106 3.33 24.40 -25.56
C VAL D 106 3.11 25.00 -26.92
N THR D 107 2.62 24.23 -27.84
CA THR D 107 2.07 24.71 -29.14
C THR D 107 0.62 24.29 -29.19
N GLY D 108 -0.31 25.23 -29.15
CA GLY D 108 -1.74 24.95 -29.02
C GLY D 108 -2.15 25.02 -27.58
N ASP D 109 -3.13 24.26 -27.16
CA ASP D 109 -3.75 24.42 -25.82
C ASP D 109 -3.54 23.17 -24.97
N VAL D 110 -3.10 23.35 -23.74
CA VAL D 110 -2.96 22.23 -22.80
C VAL D 110 -3.69 22.57 -21.51
N THR D 111 -4.51 21.63 -21.07
N THR D 111 -4.48 21.62 -21.04
CA THR D 111 -5.26 21.69 -19.80
CA THR D 111 -5.24 21.71 -19.79
C THR D 111 -4.60 20.71 -18.82
C THR D 111 -4.63 20.71 -18.82
N VAL D 112 -4.50 21.14 -17.57
CA VAL D 112 -3.90 20.34 -16.49
C VAL D 112 -4.83 20.44 -15.31
N LYS D 113 -5.54 19.35 -15.01
CA LYS D 113 -6.60 19.37 -13.96
C LYS D 113 -6.40 18.16 -13.09
N GLY D 114 -6.61 18.33 -11.80
CA GLY D 114 -6.45 17.20 -10.89
C GLY D 114 -7.65 16.90 -10.04
N ILE D 115 -7.63 15.67 -9.57
CA ILE D 115 -8.53 15.23 -8.48
C ILE D 115 -7.65 14.80 -7.33
N VAL D 116 -7.95 15.33 -6.15
CA VAL D 116 -7.21 15.05 -4.92
C VAL D 116 -8.09 14.23 -3.99
N VAL D 117 -7.44 13.39 -3.19
CA VAL D 117 -8.12 12.37 -2.38
C VAL D 117 -7.48 12.33 -1.01
N SER D 118 -8.25 12.31 0.06
CA SER D 118 -7.75 12.18 1.45
C SER D 118 -7.59 10.76 1.90
N ASN E 7 -11.87 8.13 21.49
CA ASN E 7 -13.08 7.60 20.77
C ASN E 7 -12.73 6.61 19.64
N VAL E 8 -13.01 5.35 19.82
CA VAL E 8 -12.50 4.27 18.94
C VAL E 8 -13.63 3.88 18.00
N VAL E 9 -13.37 3.73 16.74
CA VAL E 9 -14.39 3.27 15.76
C VAL E 9 -13.77 2.13 14.98
N ILE E 10 -14.61 1.17 14.67
CA ILE E 10 -14.28 0.09 13.73
C ILE E 10 -14.59 0.58 12.35
N THR E 11 -13.63 0.51 11.44
CA THR E 11 -13.79 1.05 10.07
C THR E 11 -14.07 -0.07 9.08
N ILE E 12 -15.02 0.16 8.18
CA ILE E 12 -15.26 -0.73 7.03
C ILE E 12 -15.39 0.16 5.80
N PRO E 13 -15.07 -0.34 4.62
CA PRO E 13 -15.26 0.43 3.40
C PRO E 13 -16.74 0.51 3.03
N ASP E 14 -17.05 1.52 2.22
CA ASP E 14 -18.24 1.50 1.35
C ASP E 14 -17.92 0.64 0.15
N LYS E 15 -18.89 -0.14 -0.33
CA LYS E 15 -18.77 -0.86 -1.58
C LYS E 15 -20.03 -0.59 -2.43
N THR E 16 -19.87 -0.78 -3.71
CA THR E 16 -21.00 -0.77 -4.66
C THR E 16 -20.67 -1.70 -5.80
N SER E 17 -21.63 -1.96 -6.64
CA SER E 17 -21.48 -2.84 -7.82
C SER E 17 -21.91 -2.03 -9.01
N PHE E 18 -21.37 -2.35 -10.16
CA PHE E 18 -21.69 -1.70 -11.44
C PHE E 18 -21.57 -2.67 -12.59
N THR E 19 -22.55 -2.61 -13.48
CA THR E 19 -22.52 -3.41 -14.71
C THR E 19 -22.09 -2.57 -15.90
N PHE E 20 -20.91 -2.87 -16.44
CA PHE E 20 -20.42 -2.21 -17.67
C PHE E 20 -21.11 -2.80 -18.89
N HIS E 21 -21.18 -4.14 -18.91
CA HIS E 21 -21.84 -4.93 -19.96
C HIS E 21 -22.62 -6.05 -19.33
N GLU E 22 -23.93 -6.13 -19.63
N GLU E 22 -23.93 -6.11 -19.62
CA GLU E 22 -24.73 -7.32 -19.26
CA GLU E 22 -24.82 -7.14 -19.01
C GLU E 22 -24.79 -8.19 -20.53
C GLU E 22 -24.66 -8.48 -19.71
N ALA E 23 -23.99 -9.27 -20.62
N ALA E 23 -24.49 -8.50 -21.02
CA ALA E 23 -23.97 -10.25 -21.74
CA ALA E 23 -24.50 -9.73 -21.83
C ALA E 23 -23.97 -9.57 -23.13
C ALA E 23 -24.23 -9.18 -23.22
N ALA E 24 -22.99 -8.67 -23.39
N ALA E 24 -23.04 -8.67 -23.44
CA ALA E 24 -22.64 -8.09 -24.71
CA ALA E 24 -22.65 -8.08 -24.73
C ALA E 24 -22.45 -9.23 -25.70
C ALA E 24 -22.39 -9.21 -25.72
N THR E 25 -23.03 -9.14 -26.89
CA THR E 25 -22.85 -10.14 -27.96
C THR E 25 -22.28 -9.52 -29.22
N SER E 26 -21.93 -8.25 -29.14
CA SER E 26 -21.41 -7.45 -30.27
C SER E 26 -20.70 -6.23 -29.71
N PRO E 27 -19.94 -5.51 -30.53
CA PRO E 27 -19.08 -4.44 -30.01
C PRO E 27 -19.88 -3.30 -29.40
N SER E 28 -19.37 -2.78 -28.28
N SER E 28 -19.40 -2.76 -28.29
CA SER E 28 -20.02 -1.64 -27.59
CA SER E 28 -19.94 -1.47 -27.78
C SER E 28 -19.03 -1.04 -26.59
C SER E 28 -19.05 -1.03 -26.64
N GLU E 29 -19.10 0.27 -26.37
CA GLU E 29 -18.38 0.86 -25.25
C GLU E 29 -19.00 0.49 -23.92
N GLY E 30 -20.27 0.17 -23.88
CA GLY E 30 -20.98 -0.20 -22.65
C GLY E 30 -21.22 1.03 -21.81
N GLU E 31 -21.43 0.83 -20.53
CA GLU E 31 -21.85 1.91 -19.62
C GLU E 31 -20.62 2.46 -18.93
N GLU E 32 -20.66 3.73 -18.58
CA GLU E 32 -19.53 4.42 -17.88
C GLU E 32 -19.84 4.51 -16.40
N PHE E 33 -18.88 4.18 -15.55
CA PHE E 33 -19.05 4.34 -14.09
C PHE E 33 -18.42 5.68 -13.67
N VAL E 34 -19.20 6.47 -12.99
CA VAL E 34 -18.70 7.70 -12.36
C VAL E 34 -18.08 7.29 -11.02
N VAL E 35 -16.80 7.58 -10.84
CA VAL E 35 -16.05 7.07 -9.70
C VAL E 35 -16.64 7.59 -8.39
N GLY E 36 -17.02 8.86 -8.34
CA GLY E 36 -17.58 9.37 -7.08
C GLY E 36 -16.54 9.27 -5.97
N HIS E 37 -16.94 8.73 -4.81
CA HIS E 37 -16.03 8.68 -3.64
C HIS E 37 -15.20 7.38 -3.57
N PHE E 38 -15.20 6.55 -4.58
CA PHE E 38 -14.53 5.26 -4.49
C PHE E 38 -13.03 5.31 -4.78
N ARG E 39 -12.33 4.29 -4.38
CA ARG E 39 -10.85 4.24 -4.53
C ARG E 39 -10.39 3.13 -5.47
N GLU E 40 -11.03 1.97 -5.40
N GLU E 40 -10.96 1.92 -5.35
CA GLU E 40 -10.51 0.76 -6.06
CA GLU E 40 -10.43 0.69 -6.00
C GLU E 40 -11.68 0.10 -6.80
C GLU E 40 -11.57 -0.02 -6.70
N LEU E 41 -11.32 -0.58 -7.88
CA LEU E 41 -12.31 -1.30 -8.70
C LEU E 41 -11.75 -2.65 -9.04
N THR E 42 -12.59 -3.66 -8.91
CA THR E 42 -12.26 -5.00 -9.45
C THR E 42 -13.30 -5.38 -10.47
N VAL E 43 -12.87 -5.61 -11.70
CA VAL E 43 -13.77 -5.98 -12.82
C VAL E 43 -13.64 -7.47 -13.06
N LYS E 44 -14.80 -8.13 -13.16
CA LYS E 44 -14.87 -9.54 -13.58
C LYS E 44 -15.33 -9.60 -15.03
N ILE E 45 -14.59 -10.29 -15.86
N ILE E 45 -14.58 -10.27 -15.88
CA ILE E 45 -14.95 -10.58 -17.25
CA ILE E 45 -14.98 -10.64 -17.26
C ILE E 45 -15.43 -12.03 -17.28
C ILE E 45 -15.53 -12.05 -17.21
N SER E 46 -16.69 -12.24 -17.65
N SER E 46 -16.77 -12.26 -17.59
CA SER E 46 -17.35 -13.58 -17.57
CA SER E 46 -17.37 -13.62 -17.57
C SER E 46 -18.19 -13.82 -18.81
C SER E 46 -18.18 -13.83 -18.82
N GLY E 47 -18.86 -14.97 -18.83
CA GLY E 47 -19.76 -15.32 -19.93
C GLY E 47 -19.27 -16.51 -20.68
N SER E 48 -19.96 -16.84 -21.75
CA SER E 48 -19.70 -18.05 -22.55
C SER E 48 -19.13 -17.76 -23.93
N SER E 49 -18.60 -16.61 -24.14
CA SER E 49 -17.97 -16.23 -25.42
C SER E 49 -16.86 -17.23 -25.76
N THR E 50 -16.63 -17.44 -27.04
CA THR E 50 -15.47 -18.23 -27.52
C THR E 50 -14.30 -17.36 -27.95
N SER E 51 -14.52 -16.08 -28.17
N SER E 51 -14.55 -16.08 -28.17
CA SER E 51 -13.44 -15.09 -28.38
CA SER E 51 -13.51 -15.05 -28.45
C SER E 51 -13.96 -13.72 -27.99
C SER E 51 -14.00 -13.70 -27.94
N ARG E 52 -13.05 -12.83 -27.59
CA ARG E 52 -13.44 -11.45 -27.23
C ARG E 52 -12.21 -10.61 -27.11
N GLU E 53 -12.39 -9.30 -27.15
CA GLU E 53 -11.30 -8.32 -26.85
C GLU E 53 -11.92 -7.20 -26.08
N ILE E 54 -11.38 -6.92 -24.89
N ILE E 54 -11.38 -6.95 -24.90
CA ILE E 54 -11.87 -5.89 -23.95
CA ILE E 54 -11.85 -5.84 -24.04
C ILE E 54 -10.74 -4.88 -23.76
C ILE E 54 -10.69 -4.88 -23.87
N LYS E 55 -11.02 -3.59 -23.96
CA LYS E 55 -10.05 -2.51 -23.72
C LYS E 55 -10.50 -1.71 -22.52
N PHE E 56 -9.55 -1.37 -21.63
CA PHE E 56 -9.82 -0.71 -20.34
C PHE E 56 -9.51 0.79 -20.46
N TYR E 57 -10.46 1.63 -20.08
CA TYR E 57 -10.30 3.08 -20.26
C TYR E 57 -10.70 3.87 -19.02
N ALA E 58 -9.94 4.95 -18.80
CA ALA E 58 -10.38 6.10 -18.01
C ALA E 58 -10.99 7.12 -18.94
N VAL E 59 -12.01 7.82 -18.46
CA VAL E 59 -12.73 8.82 -19.28
C VAL E 59 -12.85 10.11 -18.47
N ASP E 60 -12.47 11.24 -19.07
CA ASP E 60 -12.53 12.51 -18.35
C ASP E 60 -13.86 13.20 -18.56
N GLU E 61 -14.00 14.40 -17.98
N GLU E 61 -13.97 14.39 -18.00
CA GLU E 61 -15.28 15.15 -18.00
CA GLU E 61 -15.26 15.13 -18.00
C GLU E 61 -15.67 15.52 -19.44
C GLU E 61 -15.65 15.58 -19.41
N ASN E 62 -14.71 15.56 -20.37
CA ASN E 62 -15.01 15.92 -21.79
C ASN E 62 -15.19 14.71 -22.67
N GLY E 63 -15.14 13.50 -22.13
CA GLY E 63 -15.32 12.26 -22.87
C GLY E 63 -14.02 11.73 -23.50
N GLU E 64 -12.85 12.33 -23.22
CA GLU E 64 -11.59 11.80 -23.78
C GLU E 64 -11.29 10.46 -23.09
N LYS E 65 -10.94 9.46 -23.86
CA LYS E 65 -10.59 8.12 -23.37
C LYS E 65 -9.07 7.94 -23.29
N THR E 66 -8.62 7.33 -22.23
CA THR E 66 -7.20 7.08 -21.99
C THR E 66 -7.04 5.60 -21.61
N ALA E 67 -6.15 4.89 -22.29
CA ALA E 67 -5.93 3.48 -21.92
C ALA E 67 -5.53 3.39 -20.42
N LEU E 68 -6.11 2.45 -19.69
CA LEU E 68 -5.95 2.38 -18.25
C LEU E 68 -5.40 0.97 -17.91
N SER E 69 -4.23 0.90 -17.32
N SER E 69 -4.29 0.95 -17.20
CA SER E 69 -3.64 -0.37 -16.89
CA SER E 69 -3.63 -0.32 -16.83
C SER E 69 -4.20 -0.78 -15.51
C SER E 69 -4.16 -0.79 -15.48
N GLY E 70 -4.41 -2.10 -15.39
CA GLY E 70 -4.76 -2.74 -14.11
C GLY E 70 -3.95 -4.01 -13.95
N THR E 71 -4.29 -4.73 -12.88
CA THR E 71 -3.54 -5.93 -12.47
C THR E 71 -4.47 -7.14 -12.46
N ASN E 72 -4.05 -8.17 -13.19
CA ASN E 72 -4.82 -9.42 -13.30
C ASN E 72 -4.65 -10.16 -11.96
N LYS E 73 -5.74 -10.53 -11.33
CA LYS E 73 -5.66 -11.19 -10.00
C LYS E 73 -5.20 -12.65 -10.10
N THR E 74 -5.15 -13.23 -11.30
CA THR E 74 -4.72 -14.63 -11.41
C THR E 74 -3.19 -14.72 -11.37
N ASP E 75 -2.52 -13.79 -12.02
CA ASP E 75 -1.03 -13.92 -12.18
C ASP E 75 -0.28 -12.62 -11.91
N PHE E 76 -0.95 -11.60 -11.42
CA PHE E 76 -0.39 -10.26 -11.14
C PHE E 76 0.16 -9.61 -12.41
N GLN E 77 -0.21 -10.02 -13.59
CA GLN E 77 0.24 -9.36 -14.83
C GLN E 77 -0.49 -8.01 -14.99
N LEU E 78 0.24 -7.05 -15.55
CA LEU E 78 -0.31 -5.72 -15.82
C LEU E 78 -0.88 -5.72 -17.22
N GLY E 79 -1.92 -4.96 -17.44
CA GLY E 79 -2.40 -4.78 -18.81
C GLY E 79 -3.48 -3.72 -18.90
N SER E 80 -3.71 -3.26 -20.12
CA SER E 80 -4.78 -2.27 -20.41
C SER E 80 -5.83 -2.88 -21.34
N SER E 81 -5.76 -4.18 -21.52
CA SER E 81 -6.73 -4.90 -22.38
C SER E 81 -6.61 -6.38 -22.09
N THR E 82 -7.55 -7.17 -22.63
CA THR E 82 -7.45 -8.63 -22.53
C THR E 82 -8.19 -9.28 -23.69
N LEU E 83 -7.69 -10.44 -24.07
CA LEU E 83 -8.36 -11.34 -25.02
C LEU E 83 -8.98 -12.52 -24.30
N ASN E 84 -8.94 -12.54 -22.97
CA ASN E 84 -9.40 -13.71 -22.19
C ASN E 84 -10.72 -13.41 -21.48
N THR E 85 -11.41 -14.49 -21.11
CA THR E 85 -12.57 -14.45 -20.24
C THR E 85 -12.19 -15.12 -18.92
N ASN E 86 -13.09 -15.06 -17.96
CA ASN E 86 -12.90 -15.60 -16.60
C ASN E 86 -11.65 -14.98 -15.96
N GLU E 87 -11.65 -13.68 -15.88
CA GLU E 87 -10.53 -12.93 -15.29
C GLU E 87 -11.07 -11.81 -14.41
N TYR E 88 -10.35 -11.53 -13.33
CA TYR E 88 -10.50 -10.30 -12.52
C TYR E 88 -9.33 -9.37 -12.76
N TRP E 89 -9.66 -8.09 -12.92
CA TRP E 89 -8.68 -7.01 -13.06
C TRP E 89 -8.94 -5.97 -12.00
N ASP E 90 -7.87 -5.58 -11.31
CA ASP E 90 -7.90 -4.58 -10.23
C ASP E 90 -7.35 -3.25 -10.76
N PHE E 91 -8.03 -2.16 -10.39
CA PHE E 91 -7.61 -0.82 -10.81
C PHE E 91 -7.65 0.10 -9.59
N ASP E 92 -6.69 1.02 -9.58
N ASP E 92 -6.68 1.01 -9.58
CA ASP E 92 -6.71 2.18 -8.67
CA ASP E 92 -6.67 2.19 -8.69
C ASP E 92 -7.38 3.33 -9.42
C ASP E 92 -7.37 3.33 -9.44
N ILE E 93 -8.56 3.71 -8.97
CA ILE E 93 -9.43 4.67 -9.68
C ILE E 93 -9.66 5.94 -8.89
N ALA E 94 -9.01 6.13 -7.74
CA ALA E 94 -9.45 7.20 -6.82
C ALA E 94 -9.42 8.60 -7.45
N GLY E 95 -8.47 8.83 -8.34
CA GLY E 95 -8.32 10.16 -8.94
C GLY E 95 -8.91 10.26 -10.34
N LEU E 96 -9.80 9.35 -10.72
CA LEU E 96 -10.40 9.35 -12.06
C LEU E 96 -11.82 9.91 -12.02
N PHE E 97 -12.32 10.41 -13.12
CA PHE E 97 -13.71 10.89 -13.21
C PHE E 97 -14.62 9.71 -13.48
N LYS E 98 -14.33 9.01 -14.56
CA LYS E 98 -15.12 7.87 -15.05
C LYS E 98 -14.21 6.78 -15.53
N VAL E 99 -14.78 5.55 -15.55
CA VAL E 99 -14.09 4.40 -16.19
C VAL E 99 -15.08 3.68 -17.11
N MET E 100 -14.51 3.04 -18.11
N MET E 100 -14.51 2.99 -18.08
CA MET E 100 -15.26 2.37 -19.21
CA MET E 100 -15.33 2.34 -19.13
C MET E 100 -14.48 1.14 -19.60
C MET E 100 -14.53 1.18 -19.68
N PHE E 101 -15.22 0.06 -19.93
CA PHE E 101 -14.60 -1.20 -20.39
C PHE E 101 -15.20 -1.50 -21.74
N GLU E 102 -14.50 -1.28 -22.82
CA GLU E 102 -15.03 -1.43 -24.20
C GLU E 102 -14.93 -2.88 -24.66
N VAL E 103 -16.04 -3.38 -25.18
CA VAL E 103 -16.04 -4.66 -25.93
C VAL E 103 -15.68 -4.26 -27.36
N VAL E 104 -14.46 -4.52 -27.76
CA VAL E 104 -14.00 -4.25 -29.13
C VAL E 104 -14.60 -5.28 -30.11
N SER E 105 -14.60 -6.54 -29.66
CA SER E 105 -15.13 -7.68 -30.40
C SER E 105 -15.54 -8.78 -29.44
N VAL E 106 -16.53 -9.56 -29.88
CA VAL E 106 -16.95 -10.74 -29.13
C VAL E 106 -17.66 -11.71 -30.04
N THR E 107 -17.43 -12.99 -29.84
CA THR E 107 -18.27 -14.08 -30.45
C THR E 107 -18.89 -14.83 -29.27
N GLY E 108 -20.21 -14.68 -29.13
CA GLY E 108 -20.93 -15.23 -27.98
C GLY E 108 -21.19 -14.09 -27.02
N ASP E 109 -21.17 -14.34 -25.70
CA ASP E 109 -21.67 -13.33 -24.74
C ASP E 109 -20.53 -13.04 -23.77
N VAL E 110 -20.33 -11.75 -23.46
CA VAL E 110 -19.34 -11.36 -22.43
C VAL E 110 -20.03 -10.39 -21.49
N THR E 111 -19.87 -10.66 -20.20
N THR E 111 -19.85 -10.65 -20.20
CA THR E 111 -20.40 -9.83 -19.10
CA THR E 111 -20.36 -9.82 -19.10
C THR E 111 -19.19 -9.16 -18.43
C THR E 111 -19.15 -9.15 -18.48
N VAL E 112 -19.34 -7.90 -18.10
CA VAL E 112 -18.26 -7.10 -17.51
C VAL E 112 -18.86 -6.36 -16.34
N LYS E 113 -18.51 -6.74 -15.12
CA LYS E 113 -19.16 -6.22 -13.91
C LYS E 113 -18.09 -5.88 -12.91
N GLY E 114 -18.29 -4.83 -12.15
CA GLY E 114 -17.32 -4.43 -11.14
C GLY E 114 -17.88 -4.37 -9.75
N ILE E 115 -16.97 -4.55 -8.81
CA ILE E 115 -17.22 -4.21 -7.39
C ILE E 115 -16.21 -3.11 -7.08
N VAL E 116 -16.71 -2.09 -6.46
CA VAL E 116 -15.97 -0.83 -6.22
C VAL E 116 -15.92 -0.61 -4.71
N VAL E 117 -14.77 -0.13 -4.23
CA VAL E 117 -14.46 -0.09 -2.78
C VAL E 117 -13.90 1.30 -2.44
N SER E 118 -14.35 1.86 -1.33
CA SER E 118 -13.81 3.17 -0.84
C SER E 118 -12.65 2.97 0.13
#